data_3AV3
#
_entry.id   3AV3
#
_cell.length_a   51.861
_cell.length_b   117.408
_cell.length_c   67.251
_cell.angle_alpha   90.00
_cell.angle_beta   90.00
_cell.angle_gamma   90.00
#
_symmetry.space_group_name_H-M   'C 2 2 21'
#
loop_
_entity.id
_entity.type
_entity.pdbx_description
1 polymer 'Phosphoribosylglycinamide formyltransferase'
2 non-polymer 'MAGNESIUM ION'
3 water water
#
_entity_poly.entity_id   1
_entity_poly.type   'polypeptide(L)'
_entity_poly.pdbx_seq_one_letter_code
;GH(MSE)KRLAVFASGSGTNFQAIVDAAKRGDLPARVALLVCDRPGAKVIERAARENVPAFVFSPKDYPSKAAFESEILR
ELKGRQIDWIALAGY(MSE)RLIGPTLLSAYEGKIVNIHPSLLPAFPGKDAIGQAYRAGVSETGVTVHYVDEG(MSE)DT
GPVIAQRVVPIVPGEPIEALEERIHQVEHELYPTVLR(MSE)LLGEKEQQEERIENDGSETSIDQRVQ
;
_entity_poly.pdbx_strand_id   A
#
loop_
_chem_comp.id
_chem_comp.type
_chem_comp.name
_chem_comp.formula
MG non-polymer 'MAGNESIUM ION' 'Mg 2'
#
# COMPACT_ATOMS: atom_id res chain seq x y z
N HIS A 2 15.67 4.33 18.21
CA HIS A 2 14.41 4.97 17.71
C HIS A 2 13.73 4.15 16.62
N MSE A 3 12.77 3.34 17.04
CA MSE A 3 12.01 2.49 16.12
C MSE A 3 11.30 3.37 15.09
O MSE A 3 10.75 4.42 15.43
CB MSE A 3 10.99 1.68 16.92
CG MSE A 3 10.03 0.83 16.11
SE MSE A 3 8.92 -0.27 17.27
CE MSE A 3 7.88 1.13 18.10
N LYS A 4 11.32 2.97 13.82
CA LYS A 4 10.68 3.75 12.78
C LYS A 4 9.16 3.72 12.94
N ARG A 5 8.51 4.84 12.67
CA ARG A 5 7.06 4.94 12.79
C ARG A 5 6.43 4.92 11.39
N LEU A 6 5.54 3.96 11.18
CA LEU A 6 4.90 3.76 9.89
C LEU A 6 3.44 4.18 9.80
N ALA A 7 3.09 4.85 8.71
CA ALA A 7 1.72 5.25 8.45
C ALA A 7 1.31 4.37 7.27
N VAL A 8 0.14 3.75 7.37
CA VAL A 8 -0.36 2.91 6.30
C VAL A 8 -1.55 3.62 5.67
N PHE A 9 -1.51 3.80 4.34
CA PHE A 9 -2.59 4.44 3.60
C PHE A 9 -3.44 3.32 2.99
N ALA A 10 -4.74 3.31 3.27
CA ALA A 10 -5.62 2.27 2.74
C ALA A 10 -7.03 2.80 2.50
N SER A 11 -7.69 2.29 1.47
CA SER A 11 -9.03 2.76 1.12
C SER A 11 -10.14 1.72 1.20
N GLY A 12 -9.78 0.46 1.41
CA GLY A 12 -10.82 -0.57 1.42
C GLY A 12 -10.97 -1.51 2.62
N SER A 13 -11.08 -2.79 2.30
CA SER A 13 -11.26 -3.85 3.30
C SER A 13 -10.18 -3.87 4.38
N GLY A 14 -8.98 -3.43 4.01
CA GLY A 14 -7.88 -3.38 4.97
C GLY A 14 -7.19 -4.70 5.28
N THR A 15 -7.25 -5.67 4.38
CA THR A 15 -6.60 -6.94 4.65
C THR A 15 -5.08 -6.82 4.71
N ASN A 16 -4.51 -5.97 3.86
CA ASN A 16 -3.06 -5.79 3.89
C ASN A 16 -2.68 -5.06 5.18
N PHE A 17 -3.50 -4.11 5.57
CA PHE A 17 -3.26 -3.37 6.82
C PHE A 17 -3.25 -4.37 7.97
N GLN A 18 -4.21 -5.29 7.97
CA GLN A 18 -4.29 -6.30 9.01
C GLN A 18 -3.05 -7.16 9.07
N ALA A 19 -2.55 -7.57 7.90
CA ALA A 19 -1.35 -8.41 7.84
C ALA A 19 -0.16 -7.71 8.47
N ILE A 20 -0.05 -6.40 8.23
CA ILE A 20 1.05 -5.63 8.77
C ILE A 20 0.89 -5.50 10.29
N VAL A 21 -0.32 -5.23 10.74
CA VAL A 21 -0.60 -5.12 12.17
C VAL A 21 -0.33 -6.44 12.88
N ASP A 22 -0.78 -7.55 12.28
CA ASP A 22 -0.59 -8.86 12.88
C ASP A 22 0.90 -9.20 13.02
N ALA A 23 1.69 -8.83 12.02
CA ALA A 23 3.12 -9.12 12.06
C ALA A 23 3.78 -8.35 13.20
N ALA A 24 3.40 -7.10 13.38
CA ALA A 24 3.95 -6.28 14.44
C ALA A 24 3.55 -6.86 15.80
N LYS A 25 2.28 -7.28 15.89
CA LYS A 25 1.77 -7.85 17.14
C LYS A 25 2.48 -9.11 17.59
N ARG A 26 2.88 -9.96 16.63
CA ARG A 26 3.56 -11.19 16.99
C ARG A 26 5.07 -11.00 17.15
N GLY A 27 5.51 -9.75 17.05
CA GLY A 27 6.92 -9.44 17.21
C GLY A 27 7.80 -9.63 15.99
N ASP A 28 7.18 -9.64 14.80
CA ASP A 28 7.94 -9.82 13.57
C ASP A 28 8.10 -8.55 12.74
N LEU A 29 7.77 -7.40 13.33
CA LEU A 29 7.90 -6.13 12.63
C LEU A 29 8.49 -5.08 13.56
N PRO A 30 9.81 -4.85 13.46
CA PRO A 30 10.55 -3.88 14.29
C PRO A 30 10.21 -2.42 13.99
N ALA A 31 8.92 -2.14 13.81
CA ALA A 31 8.46 -0.78 13.54
C ALA A 31 7.10 -0.59 14.18
N ARG A 32 6.72 0.66 14.39
CA ARG A 32 5.43 0.97 15.00
C ARG A 32 4.40 1.28 13.94
N VAL A 33 3.28 0.56 13.94
CA VAL A 33 2.21 0.86 12.99
C VAL A 33 1.54 2.00 13.74
N ALA A 34 1.97 3.21 13.41
CA ALA A 34 1.52 4.41 14.09
C ALA A 34 0.29 5.14 13.57
N LEU A 35 -0.10 4.87 12.34
CA LEU A 35 -1.23 5.60 11.79
C LEU A 35 -1.84 4.97 10.54
N LEU A 36 -3.15 5.11 10.42
CA LEU A 36 -3.88 4.67 9.25
C LEU A 36 -4.43 5.94 8.62
N VAL A 37 -4.17 6.13 7.33
CA VAL A 37 -4.70 7.27 6.62
C VAL A 37 -5.71 6.66 5.65
N CYS A 38 -6.96 7.09 5.73
CA CYS A 38 -8.00 6.53 4.88
C CYS A 38 -8.79 7.65 4.22
N ASP A 39 -8.95 7.55 2.90
CA ASP A 39 -9.66 8.52 2.08
C ASP A 39 -11.10 8.12 1.79
N ARG A 40 -11.59 7.10 2.47
CA ARG A 40 -12.95 6.63 2.23
C ARG A 40 -13.68 6.33 3.54
N PRO A 41 -14.40 7.32 4.08
CA PRO A 41 -15.13 7.09 5.33
C PRO A 41 -16.02 5.86 5.16
N GLY A 42 -16.10 5.04 6.21
CA GLY A 42 -16.93 3.85 6.12
C GLY A 42 -16.16 2.62 5.69
N ALA A 43 -14.94 2.80 5.20
CA ALA A 43 -14.12 1.67 4.77
C ALA A 43 -13.89 0.76 5.96
N LYS A 44 -13.90 -0.54 5.71
CA LYS A 44 -13.71 -1.52 6.78
C LYS A 44 -12.36 -1.40 7.48
N VAL A 45 -11.35 -0.91 6.76
CA VAL A 45 -10.02 -0.77 7.36
C VAL A 45 -10.05 0.18 8.56
N ILE A 46 -11.00 1.09 8.58
CA ILE A 46 -11.12 2.03 9.70
C ILE A 46 -11.48 1.28 10.97
N GLU A 47 -12.40 0.33 10.85
CA GLU A 47 -12.83 -0.48 11.98
C GLU A 47 -11.66 -1.33 12.48
N ARG A 48 -10.82 -1.79 11.56
CA ARG A 48 -9.67 -2.59 11.94
C ARG A 48 -8.71 -1.77 12.78
N ALA A 49 -8.43 -0.55 12.35
CA ALA A 49 -7.53 0.32 13.09
C ALA A 49 -8.06 0.54 14.50
N ALA A 50 -9.35 0.79 14.63
CA ALA A 50 -9.96 1.02 15.94
C ALA A 50 -9.80 -0.20 16.83
N ARG A 51 -10.06 -1.38 16.28
CA ARG A 51 -9.94 -2.62 17.04
C ARG A 51 -8.50 -2.87 17.45
N GLU A 52 -7.57 -2.51 16.57
CA GLU A 52 -6.14 -2.73 16.84
C GLU A 52 -5.45 -1.56 17.56
N ASN A 53 -6.23 -0.58 17.98
CA ASN A 53 -5.71 0.58 18.69
C ASN A 53 -4.64 1.31 17.88
N VAL A 54 -4.91 1.48 16.60
CA VAL A 54 -4.00 2.21 15.71
C VAL A 54 -4.70 3.52 15.35
N PRO A 55 -4.09 4.66 15.68
CA PRO A 55 -4.70 5.95 15.35
C PRO A 55 -5.06 6.04 13.88
N ALA A 56 -6.15 6.74 13.57
CA ALA A 56 -6.55 6.88 12.19
C ALA A 56 -6.91 8.30 11.81
N PHE A 57 -6.51 8.70 10.61
CA PHE A 57 -6.85 10.01 10.08
C PHE A 57 -7.72 9.67 8.89
N VAL A 58 -9.01 9.97 9.03
CA VAL A 58 -9.98 9.68 7.99
C VAL A 58 -10.50 10.98 7.39
N PHE A 59 -10.53 11.05 6.07
CA PHE A 59 -11.00 12.25 5.40
C PHE A 59 -11.71 11.88 4.10
N SER A 60 -12.48 12.82 3.60
CA SER A 60 -13.18 12.64 2.34
C SER A 60 -12.64 13.67 1.37
N PRO A 61 -12.17 13.23 0.19
CA PRO A 61 -11.63 14.16 -0.80
C PRO A 61 -12.67 15.21 -1.18
N LYS A 62 -13.94 14.87 -0.99
CA LYS A 62 -15.04 15.77 -1.32
C LYS A 62 -15.11 17.02 -0.45
N ASP A 63 -14.38 17.02 0.66
CA ASP A 63 -14.36 18.17 1.57
C ASP A 63 -13.19 19.10 1.28
N TYR A 64 -12.48 18.84 0.19
CA TYR A 64 -11.32 19.64 -0.20
C TYR A 64 -11.40 20.04 -1.66
N PRO A 65 -10.91 21.25 -1.99
CA PRO A 65 -10.94 21.72 -3.38
C PRO A 65 -9.91 21.07 -4.29
N SER A 66 -8.87 20.47 -3.69
CA SER A 66 -7.83 19.85 -4.50
C SER A 66 -7.06 18.78 -3.73
N LYS A 67 -6.27 17.99 -4.45
CA LYS A 67 -5.48 16.96 -3.82
C LYS A 67 -4.44 17.64 -2.95
N ALA A 68 -3.89 18.75 -3.43
CA ALA A 68 -2.90 19.50 -2.67
C ALA A 68 -3.49 19.94 -1.34
N ALA A 69 -4.76 20.34 -1.37
CA ALA A 69 -5.44 20.78 -0.16
C ALA A 69 -5.51 19.69 0.89
N PHE A 70 -5.94 18.48 0.52
CA PHE A 70 -6.00 17.47 1.55
C PHE A 70 -4.63 16.87 1.88
N GLU A 71 -3.71 16.83 0.92
CA GLU A 71 -2.39 16.29 1.24
C GLU A 71 -1.65 17.24 2.15
N SER A 72 -1.96 18.53 2.08
CA SER A 72 -1.32 19.51 2.96
C SER A 72 -1.70 19.19 4.40
N GLU A 73 -2.96 18.84 4.62
CA GLU A 73 -3.41 18.49 5.97
C GLU A 73 -2.83 17.14 6.38
N ILE A 74 -2.77 16.20 5.45
CA ILE A 74 -2.21 14.89 5.76
C ILE A 74 -0.74 15.07 6.16
N LEU A 75 -0.02 15.93 5.44
CA LEU A 75 1.39 16.15 5.76
C LEU A 75 1.56 16.72 7.16
N ARG A 76 0.72 17.69 7.52
CA ARG A 76 0.80 18.27 8.86
C ARG A 76 0.58 17.16 9.89
N GLU A 77 -0.40 16.30 9.61
CA GLU A 77 -0.71 15.20 10.52
C GLU A 77 0.45 14.22 10.64
N LEU A 78 1.04 13.85 9.50
CA LEU A 78 2.16 12.92 9.48
C LEU A 78 3.35 13.44 10.27
N LYS A 79 3.72 14.69 10.04
CA LYS A 79 4.86 15.26 10.75
C LYS A 79 4.59 15.41 12.24
N GLY A 80 3.37 15.81 12.59
CA GLY A 80 3.02 15.99 13.99
C GLY A 80 3.01 14.67 14.75
N ARG A 81 2.82 13.57 14.04
CA ARG A 81 2.80 12.25 14.64
C ARG A 81 4.14 11.54 14.44
N GLN A 82 5.13 12.30 14.00
CA GLN A 82 6.48 11.79 13.77
C GLN A 82 6.52 10.53 12.93
N ILE A 83 5.80 10.57 11.81
CA ILE A 83 5.79 9.43 10.90
C ILE A 83 7.06 9.47 10.06
N ASP A 84 7.73 8.34 9.93
CA ASP A 84 8.96 8.25 9.15
C ASP A 84 8.74 7.68 7.76
N TRP A 85 7.94 6.63 7.69
CA TRP A 85 7.65 5.95 6.43
C TRP A 85 6.17 5.84 6.13
N ILE A 86 5.86 5.71 4.85
CA ILE A 86 4.48 5.56 4.39
C ILE A 86 4.40 4.30 3.55
N ALA A 87 3.42 3.45 3.87
CA ALA A 87 3.20 2.23 3.10
C ALA A 87 1.80 2.29 2.53
N LEU A 88 1.69 2.29 1.21
CA LEU A 88 0.40 2.30 0.56
C LEU A 88 -0.01 0.85 0.50
N ALA A 89 -1.20 0.55 1.01
CA ALA A 89 -1.72 -0.81 1.04
C ALA A 89 -3.20 -0.76 0.70
N GLY A 90 -3.50 -0.67 -0.59
CA GLY A 90 -4.89 -0.60 -1.00
C GLY A 90 -5.39 0.82 -1.03
N TYR A 91 -4.47 1.78 -1.14
CA TYR A 91 -4.82 3.19 -1.23
C TYR A 91 -5.18 3.37 -2.71
N MSE A 92 -6.44 3.72 -2.97
CA MSE A 92 -6.92 3.83 -4.34
C MSE A 92 -6.82 5.15 -5.09
O MSE A 92 -7.70 5.49 -5.89
CB MSE A 92 -8.34 3.30 -4.41
CG MSE A 92 -8.44 1.82 -4.04
SE MSE A 92 -7.41 0.67 -5.22
CE MSE A 92 -8.66 0.52 -6.69
N ARG A 93 -5.76 5.91 -4.84
CA ARG A 93 -5.54 7.16 -5.56
C ARG A 93 -4.05 7.45 -5.54
N LEU A 94 -3.61 8.32 -6.44
CA LEU A 94 -2.20 8.65 -6.54
C LEU A 94 -1.74 9.63 -5.48
N ILE A 95 -0.51 9.43 -5.02
CA ILE A 95 0.10 10.32 -4.04
C ILE A 95 0.60 11.52 -4.83
N GLY A 96 0.25 12.72 -4.39
CA GLY A 96 0.65 13.92 -5.09
C GLY A 96 2.01 14.46 -4.70
N PRO A 97 2.47 15.52 -5.38
CA PRO A 97 3.77 16.14 -5.11
C PRO A 97 3.95 16.63 -3.67
N THR A 98 2.86 17.05 -3.05
CA THR A 98 2.94 17.52 -1.67
C THR A 98 3.54 16.46 -0.76
N LEU A 99 3.05 15.23 -0.88
CA LEU A 99 3.57 14.13 -0.05
C LEU A 99 4.84 13.52 -0.63
N LEU A 100 4.92 13.41 -1.95
CA LEU A 100 6.09 12.83 -2.59
C LEU A 100 7.36 13.60 -2.21
N SER A 101 7.25 14.93 -2.17
CA SER A 101 8.39 15.77 -1.82
C SER A 101 8.81 15.64 -0.36
N ALA A 102 7.82 15.61 0.54
CA ALA A 102 8.09 15.50 1.96
C ALA A 102 8.61 14.14 2.40
N TYR A 103 8.19 13.09 1.69
CA TYR A 103 8.59 11.74 2.04
C TYR A 103 9.28 11.02 0.88
N GLU A 104 10.09 11.75 0.14
CA GLU A 104 10.81 11.16 -0.99
C GLU A 104 11.70 10.01 -0.54
N GLY A 105 11.53 8.85 -1.17
CA GLY A 105 12.33 7.68 -0.82
C GLY A 105 11.83 6.97 0.42
N LYS A 106 10.73 7.45 1.00
CA LYS A 106 10.16 6.87 2.20
C LYS A 106 8.73 6.42 1.99
N ILE A 107 8.32 6.29 0.74
CA ILE A 107 6.96 5.84 0.44
C ILE A 107 7.06 4.56 -0.37
N VAL A 108 6.34 3.53 0.06
CA VAL A 108 6.34 2.27 -0.67
C VAL A 108 4.91 1.86 -0.96
N ASN A 109 4.75 0.94 -1.90
CA ASN A 109 3.44 0.46 -2.31
C ASN A 109 3.52 -1.00 -2.69
N ILE A 110 2.39 -1.70 -2.59
CA ILE A 110 2.35 -3.09 -3.00
C ILE A 110 1.42 -3.13 -4.20
N HIS A 111 1.87 -3.79 -5.26
CA HIS A 111 1.10 -3.85 -6.50
C HIS A 111 0.97 -5.30 -6.95
N PRO A 112 -0.25 -5.71 -7.33
CA PRO A 112 -0.53 -7.08 -7.77
C PRO A 112 -0.11 -7.50 -9.19
N SER A 113 1.15 -7.24 -9.53
CA SER A 113 1.69 -7.67 -10.82
C SER A 113 3.20 -7.70 -10.68
N LEU A 114 3.87 -8.24 -11.67
CA LEU A 114 5.33 -8.28 -11.65
C LEU A 114 5.82 -7.08 -12.44
N LEU A 115 5.84 -5.93 -11.79
CA LEU A 115 6.29 -4.70 -12.44
C LEU A 115 7.66 -4.90 -13.06
N PRO A 116 7.95 -4.21 -14.17
CA PRO A 116 7.13 -3.25 -14.91
C PRO A 116 5.93 -3.75 -15.71
N ALA A 117 5.62 -5.03 -15.57
CA ALA A 117 4.48 -5.59 -16.28
C ALA A 117 3.17 -5.21 -15.60
N PHE A 118 2.16 -4.90 -16.41
CA PHE A 118 0.82 -4.55 -15.93
C PHE A 118 0.71 -3.51 -14.83
N PRO A 119 1.25 -2.30 -15.08
CA PRO A 119 1.16 -1.23 -14.08
C PRO A 119 -0.26 -0.68 -14.12
N GLY A 120 -0.65 0.09 -13.11
CA GLY A 120 -1.98 0.68 -13.12
C GLY A 120 -3.06 -0.10 -12.40
N LYS A 121 -4.29 0.40 -12.53
CA LYS A 121 -5.44 -0.19 -11.87
C LYS A 121 -5.86 -1.58 -12.36
N ASP A 122 -6.43 -2.34 -11.45
CA ASP A 122 -6.92 -3.70 -11.74
C ASP A 122 -5.87 -4.55 -12.45
N ALA A 123 -4.65 -4.58 -11.90
CA ALA A 123 -3.57 -5.36 -12.50
C ALA A 123 -3.85 -6.86 -12.47
N ILE A 124 -4.64 -7.32 -11.51
CA ILE A 124 -4.98 -8.73 -11.43
C ILE A 124 -5.83 -9.04 -12.66
N GLY A 125 -6.82 -8.19 -12.89
CA GLY A 125 -7.70 -8.36 -14.03
C GLY A 125 -6.92 -8.21 -15.33
N GLN A 126 -5.99 -7.27 -15.37
CA GLN A 126 -5.20 -7.08 -16.58
C GLN A 126 -4.46 -8.35 -16.99
N ALA A 127 -3.76 -8.97 -16.03
CA ALA A 127 -3.00 -10.18 -16.32
C ALA A 127 -3.93 -11.32 -16.74
N TYR A 128 -5.06 -11.44 -16.05
CA TYR A 128 -6.03 -12.48 -16.35
C TYR A 128 -6.56 -12.28 -17.77
N ARG A 129 -6.93 -11.05 -18.12
CA ARG A 129 -7.47 -10.77 -19.44
C ARG A 129 -6.44 -10.91 -20.55
N ALA A 130 -5.17 -10.69 -20.23
CA ALA A 130 -4.11 -10.81 -21.23
C ALA A 130 -3.80 -12.25 -21.60
N GLY A 131 -4.20 -13.18 -20.74
CA GLY A 131 -3.96 -14.59 -21.01
C GLY A 131 -2.56 -15.11 -20.70
N VAL A 132 -1.75 -14.30 -20.04
CA VAL A 132 -0.39 -14.71 -19.70
C VAL A 132 -0.41 -15.88 -18.72
N SER A 133 0.68 -16.64 -18.67
CA SER A 133 0.78 -17.81 -17.82
C SER A 133 1.18 -17.54 -16.38
N GLU A 134 1.64 -16.33 -16.11
CA GLU A 134 2.02 -16.00 -14.75
C GLU A 134 2.03 -14.50 -14.53
N THR A 135 1.98 -14.13 -13.26
CA THR A 135 2.01 -12.74 -12.88
C THR A 135 2.70 -12.72 -11.53
N GLY A 136 2.42 -11.73 -10.69
CA GLY A 136 3.08 -11.72 -9.41
C GLY A 136 2.68 -10.54 -8.54
N VAL A 137 3.45 -10.34 -7.47
CA VAL A 137 3.22 -9.25 -6.53
C VAL A 137 4.53 -8.48 -6.39
N THR A 138 4.44 -7.15 -6.40
CA THR A 138 5.63 -6.31 -6.30
C THR A 138 5.51 -5.25 -5.21
N VAL A 139 6.55 -5.09 -4.40
CA VAL A 139 6.56 -4.01 -3.41
C VAL A 139 7.60 -3.08 -4.03
N HIS A 140 7.25 -1.81 -4.19
CA HIS A 140 8.17 -0.87 -4.81
C HIS A 140 8.13 0.52 -4.18
N TYR A 141 9.14 1.32 -4.49
CA TYR A 141 9.20 2.69 -4.00
C TYR A 141 8.25 3.50 -4.86
N VAL A 142 7.62 4.50 -4.26
CA VAL A 142 6.71 5.35 -5.00
C VAL A 142 7.46 6.62 -5.39
N ASP A 143 7.35 6.99 -6.66
CA ASP A 143 8.01 8.18 -7.19
C ASP A 143 7.03 8.94 -8.09
N GLU A 144 7.55 9.91 -8.85
N GLU A 144 7.56 9.91 -8.84
CA GLU A 144 6.72 10.72 -9.73
CA GLU A 144 6.75 10.72 -9.74
C GLU A 144 5.77 9.91 -10.63
C GLU A 144 7.50 10.95 -11.06
N GLY A 145 6.28 8.83 -11.19
N GLY A 145 6.79 10.79 -12.17
CA GLY A 145 5.46 8.00 -12.07
CA GLY A 145 7.40 10.99 -13.47
C GLY A 145 4.44 7.14 -11.36
C GLY A 145 6.56 10.40 -14.58
N MSE A 146 3.59 6.48 -12.15
N MSE A 146 6.57 9.08 -14.69
CA MSE A 146 2.55 5.60 -11.62
CA MSE A 146 5.80 8.40 -15.73
C MSE A 146 3.04 4.16 -11.62
C MSE A 146 5.56 6.93 -15.37
O MSE A 146 3.20 3.55 -12.68
O MSE A 146 4.42 6.48 -15.33
CB MSE A 146 1.29 5.73 -12.46
CB MSE A 146 6.53 8.49 -17.07
CG MSE A 146 0.78 7.15 -12.60
CG MSE A 146 5.69 8.07 -18.26
SE MSE A 146 -0.69 7.30 -13.83
SE MSE A 146 4.17 9.23 -18.55
CE MSE A 146 0.32 7.59 -15.46
CE MSE A 146 2.86 8.28 -17.51
N ASP A 147 3.26 3.60 -10.43
N ASP A 147 6.65 6.22 -15.10
CA ASP A 147 3.74 2.23 -10.30
CA ASP A 147 6.56 4.80 -14.75
C ASP A 147 5.08 2.09 -11.00
C ASP A 147 6.57 4.61 -13.24
N THR A 148 5.82 3.19 -11.06
N THR A 148 6.70 3.37 -12.79
CA THR A 148 7.11 3.20 -11.72
CA THR A 148 6.71 3.08 -11.37
C THR A 148 8.33 3.28 -10.80
C THR A 148 8.09 3.03 -10.74
N GLY A 149 8.15 3.54 -9.51
CA GLY A 149 9.33 3.61 -8.67
C GLY A 149 10.08 2.29 -8.59
N PRO A 150 11.36 2.31 -8.19
CA PRO A 150 12.20 1.11 -8.08
C PRO A 150 11.61 -0.07 -7.33
N VAL A 151 11.76 -1.26 -7.92
CA VAL A 151 11.27 -2.49 -7.32
C VAL A 151 12.13 -2.82 -6.09
N ILE A 152 11.46 -3.23 -5.02
CA ILE A 152 12.14 -3.59 -3.79
C ILE A 152 12.15 -5.11 -3.64
N ALA A 153 11.01 -5.73 -3.92
CA ALA A 153 10.89 -7.18 -3.82
C ALA A 153 9.72 -7.67 -4.66
N GLN A 154 9.82 -8.91 -5.14
CA GLN A 154 8.78 -9.51 -5.95
C GLN A 154 8.60 -11.00 -5.69
N ARG A 155 7.40 -11.49 -5.95
CA ARG A 155 7.06 -12.90 -5.79
C ARG A 155 6.27 -13.30 -7.05
N VAL A 156 6.70 -14.35 -7.72
CA VAL A 156 6.00 -14.82 -8.92
C VAL A 156 4.78 -15.63 -8.53
N VAL A 157 3.70 -15.44 -9.27
CA VAL A 157 2.45 -16.15 -9.02
C VAL A 157 1.95 -16.73 -10.33
N PRO A 158 1.81 -18.06 -10.39
CA PRO A 158 1.34 -18.66 -11.64
C PRO A 158 -0.16 -18.46 -11.86
N ILE A 159 -0.56 -18.43 -13.12
CA ILE A 159 -1.97 -18.31 -13.47
C ILE A 159 -2.27 -19.66 -14.10
N VAL A 160 -3.09 -20.45 -13.41
CA VAL A 160 -3.45 -21.79 -13.87
C VAL A 160 -4.52 -21.79 -14.95
N PRO A 161 -4.23 -22.40 -16.10
CA PRO A 161 -5.17 -22.47 -17.21
C PRO A 161 -6.50 -23.09 -16.79
N GLY A 162 -7.60 -22.44 -17.15
CA GLY A 162 -8.91 -22.95 -16.81
C GLY A 162 -9.52 -22.47 -15.50
N GLU A 163 -8.68 -22.11 -14.54
CA GLU A 163 -9.19 -21.64 -13.26
C GLU A 163 -9.82 -20.26 -13.35
N PRO A 164 -10.87 -20.01 -12.55
CA PRO A 164 -11.54 -18.72 -12.56
C PRO A 164 -10.63 -17.65 -11.98
N ILE A 165 -10.93 -16.38 -12.26
CA ILE A 165 -10.11 -15.30 -11.77
C ILE A 165 -10.06 -15.27 -10.24
N GLU A 166 -11.11 -15.78 -9.60
CA GLU A 166 -11.18 -15.83 -8.14
C GLU A 166 -9.99 -16.59 -7.57
N ALA A 167 -9.58 -17.64 -8.26
CA ALA A 167 -8.47 -18.47 -7.81
C ALA A 167 -7.18 -17.66 -7.78
N LEU A 168 -6.96 -16.87 -8.83
CA LEU A 168 -5.76 -16.04 -8.93
C LEU A 168 -5.76 -14.95 -7.87
N GLU A 169 -6.90 -14.30 -7.67
CA GLU A 169 -7.02 -13.24 -6.69
C GLU A 169 -6.66 -13.72 -5.27
N GLU A 170 -7.25 -14.84 -4.87
CA GLU A 170 -6.98 -15.39 -3.54
C GLU A 170 -5.50 -15.70 -3.38
N ARG A 171 -4.90 -16.26 -4.43
CA ARG A 171 -3.49 -16.61 -4.42
C ARG A 171 -2.64 -15.35 -4.26
N ILE A 172 -2.96 -14.33 -5.05
CA ILE A 172 -2.22 -13.07 -4.99
C ILE A 172 -2.35 -12.40 -3.63
N HIS A 173 -3.55 -12.38 -3.07
CA HIS A 173 -3.76 -11.76 -1.76
C HIS A 173 -2.98 -12.48 -0.68
N GLN A 174 -2.94 -13.81 -0.77
CA GLN A 174 -2.20 -14.61 0.21
C GLN A 174 -0.74 -14.17 0.17
N VAL A 175 -0.21 -14.03 -1.05
CA VAL A 175 1.17 -13.63 -1.24
C VAL A 175 1.42 -12.22 -0.70
N GLU A 176 0.49 -11.31 -0.97
CA GLU A 176 0.64 -9.94 -0.49
C GLU A 176 0.74 -9.89 1.03
N HIS A 177 -0.09 -10.69 1.70
CA HIS A 177 -0.10 -10.69 3.17
C HIS A 177 1.19 -11.22 3.76
N GLU A 178 1.92 -12.03 2.99
CA GLU A 178 3.19 -12.58 3.45
C GLU A 178 4.33 -11.63 3.10
N LEU A 179 4.37 -11.24 1.83
CA LEU A 179 5.42 -10.38 1.31
C LEU A 179 5.54 -8.96 1.88
N TYR A 180 4.43 -8.25 2.04
CA TYR A 180 4.51 -6.88 2.54
C TYR A 180 5.14 -6.80 3.91
N PRO A 181 4.65 -7.60 4.89
CA PRO A 181 5.25 -7.52 6.22
C PRO A 181 6.74 -7.90 6.22
N THR A 182 7.10 -8.86 5.38
CA THR A 182 8.48 -9.28 5.29
C THR A 182 9.35 -8.16 4.73
N VAL A 183 8.87 -7.48 3.69
CA VAL A 183 9.62 -6.38 3.10
C VAL A 183 9.72 -5.20 4.07
N LEU A 184 8.62 -4.89 4.76
CA LEU A 184 8.64 -3.78 5.70
C LEU A 184 9.58 -4.05 6.87
N ARG A 185 9.68 -5.31 7.28
CA ARG A 185 10.55 -5.68 8.38
C ARG A 185 12.00 -5.32 8.02
N MSE A 186 12.40 -5.65 6.79
CA MSE A 186 13.76 -5.37 6.35
C MSE A 186 14.00 -3.88 6.04
O MSE A 186 15.09 -3.36 6.30
CB MSE A 186 14.12 -6.23 5.15
CG MSE A 186 14.35 -7.70 5.51
SE MSE A 186 14.77 -8.78 3.98
CE MSE A 186 16.64 -8.29 3.80
N LEU A 187 13.00 -3.21 5.50
CA LEU A 187 13.11 -1.79 5.16
C LEU A 187 13.18 -0.89 6.39
N LEU A 188 12.41 -1.24 7.42
CA LEU A 188 12.36 -0.45 8.64
C LEU A 188 13.22 -0.93 9.80
N GLY A 189 13.71 -2.16 9.70
CA GLY A 189 14.53 -2.72 10.76
C GLY A 189 15.78 -1.92 11.04
MG MG B . -11.10 18.93 9.89
MG MG C . 7.19 -16.34 16.29
#